data_4BRW
#
_entry.id   4BRW
#
_cell.length_a   105.635
_cell.length_b   105.635
_cell.length_c   122.068
_cell.angle_alpha   90.00
_cell.angle_beta   90.00
_cell.angle_gamma   90.00
#
_symmetry.space_group_name_H-M   'P 41 2 2'
#
loop_
_entity.id
_entity.type
_entity.pdbx_description
1 polymer 'ATP-DEPENDENT RNA HELICASE DHH1'
2 polymer 'DNA TOPOISOMERASE 2-ASSOCIATED PROTEIN PAT1'
3 non-polymer (4S)-2-METHYL-2,4-PENTANEDIOL
4 non-polymer 'PENTAETHYLENE GLYCOL'
5 water water
#
loop_
_entity_poly.entity_id
_entity_poly.type
_entity_poly.pdbx_seq_one_letter_code
_entity_poly.pdbx_strand_id
1 'polypeptide(L)'
;NTFEDFYLKRELLMGIFEAGFEKPSPIQEEAIPVAITGRDILARAKNGTGKTAAFVIPTLEKVKPKLNKIQALIMVPTRE
LALQTSQVVRTLGKHCGISCMVTTGGTNLRDDILRLNETVHILVGTPGRVLDLASRKVADLSDCSLFIMDEADKMLSRDF
KTIIEQILSFLPPTHQSLLFSATFPLTVDEFMDKHLHKPYEINLMEELTLKGITQYYAFVEERQKLHCLNTLFSKLQINQ
AIIFCNSTNRVELLAKKITDLGYSCYYSHARMKQQERNKVFHEFRQGKVRTLVCSDLLTRGIDIQAVNVVINFDFPKTAE
TYLHRIGRSGRFGHLGLAINLINWNDRFNLYKIEQELGTEIAAIPATIDKSLYVAEN
;
A
2 'polypeptide(L)' GLENSGNARDGPLDFEESYKGYGEHELEENDYLNDETFGDNVQVGTDFDFGNPHSSGSSGNAIGGNGVGATARSY B
#
loop_
_chem_comp.id
_chem_comp.type
_chem_comp.name
_chem_comp.formula
1PE non-polymer 'PENTAETHYLENE GLYCOL' 'C10 H22 O6'
MPD non-polymer (4S)-2-METHYL-2,4-PENTANEDIOL 'C6 H14 O2'
#
# COMPACT_ATOMS: atom_id res chain seq x y z
N ASN A 1 -16.06 20.66 -4.55
CA ASN A 1 -16.73 20.25 -5.76
C ASN A 1 -15.79 20.27 -6.96
N THR A 2 -15.12 21.40 -7.16
CA THR A 2 -14.12 21.53 -8.22
C THR A 2 -12.80 22.06 -7.65
N PHE A 3 -11.73 21.95 -8.43
CA PHE A 3 -10.41 22.40 -7.96
C PHE A 3 -10.35 23.92 -7.81
N GLU A 4 -11.27 24.62 -8.44
CA GLU A 4 -11.31 26.08 -8.35
C GLU A 4 -11.84 26.53 -6.99
N ASP A 5 -12.50 25.59 -6.29
CA ASP A 5 -13.00 25.87 -4.95
C ASP A 5 -11.86 26.11 -3.98
N PHE A 6 -10.75 25.41 -4.19
CA PHE A 6 -9.49 25.82 -3.59
C PHE A 6 -9.05 27.01 -4.43
N TYR A 7 -8.74 28.13 -3.79
CA TYR A 7 -8.42 29.33 -4.55
C TYR A 7 -6.99 29.33 -5.08
N LEU A 8 -6.78 28.50 -6.10
CA LEU A 8 -5.48 28.29 -6.70
C LEU A 8 -5.24 29.28 -7.83
N LYS A 9 -3.97 29.58 -8.09
CA LYS A 9 -3.61 30.49 -9.17
C LYS A 9 -3.92 29.87 -10.53
N ARG A 10 -4.14 30.72 -11.53
CA ARG A 10 -4.58 30.31 -12.86
C ARG A 10 -3.73 29.19 -13.47
N GLU A 11 -2.41 29.36 -13.39
CA GLU A 11 -1.48 28.42 -14.01
C GLU A 11 -1.56 27.02 -13.41
N LEU A 12 -1.73 26.97 -12.09
CA LEU A 12 -1.88 25.70 -11.39
C LEU A 12 -3.16 25.00 -11.85
N LEU A 13 -4.26 25.76 -11.90
CA LEU A 13 -5.53 25.22 -12.40
C LEU A 13 -5.41 24.74 -13.85
N MET A 14 -4.58 25.42 -14.63
CA MET A 14 -4.32 25.00 -16.00
C MET A 14 -3.62 23.65 -16.03
N GLY A 15 -2.60 23.50 -15.19
CA GLY A 15 -1.89 22.24 -15.09
C GLY A 15 -2.78 21.10 -14.65
N ILE A 16 -3.63 21.36 -13.65
CA ILE A 16 -4.55 20.34 -13.14
C ILE A 16 -5.56 19.95 -14.23
N PHE A 17 -6.04 20.95 -14.96
CA PHE A 17 -6.99 20.74 -16.04
C PHE A 17 -6.38 19.89 -17.16
N GLU A 18 -5.14 20.19 -17.52
CA GLU A 18 -4.45 19.44 -18.58
C GLU A 18 -4.16 17.99 -18.18
N ALA A 19 -4.17 17.71 -16.88
CA ALA A 19 -3.89 16.36 -16.39
C ALA A 19 -5.16 15.50 -16.36
N GLY A 20 -6.31 16.13 -16.57
CA GLY A 20 -7.57 15.41 -16.66
C GLY A 20 -8.31 15.32 -15.34
N PHE A 21 -7.94 16.18 -14.39
CA PHE A 21 -8.57 16.16 -13.07
C PHE A 21 -9.69 17.20 -12.97
N GLU A 22 -10.92 16.71 -12.83
CA GLU A 22 -12.08 17.60 -12.75
C GLU A 22 -12.64 17.70 -11.34
N LYS A 23 -12.87 16.55 -10.72
CA LYS A 23 -13.39 16.51 -9.36
C LYS A 23 -12.33 16.01 -8.39
N PRO A 24 -12.00 16.83 -7.38
CA PRO A 24 -11.00 16.47 -6.38
C PRO A 24 -11.40 15.25 -5.55
N SER A 25 -10.48 14.30 -5.40
CA SER A 25 -10.70 13.08 -4.64
C SER A 25 -10.72 13.39 -3.14
N PRO A 26 -11.21 12.43 -2.32
CA PRO A 26 -11.24 12.63 -0.85
C PRO A 26 -9.90 13.04 -0.25
N ILE A 27 -8.81 12.41 -0.66
CA ILE A 27 -7.49 12.76 -0.13
C ILE A 27 -7.13 14.20 -0.50
N GLN A 28 -7.59 14.65 -1.66
CA GLN A 28 -7.32 16.00 -2.12
C GLN A 28 -8.25 16.98 -1.41
N GLU A 29 -9.51 16.60 -1.25
CA GLU A 29 -10.49 17.40 -0.53
C GLU A 29 -10.02 17.66 0.90
N GLU A 30 -9.39 16.66 1.50
CA GLU A 30 -8.89 16.76 2.87
C GLU A 30 -7.56 17.50 2.96
N ALA A 31 -6.61 17.15 2.10
CA ALA A 31 -5.24 17.61 2.24
C ALA A 31 -4.94 18.96 1.59
N ILE A 32 -5.56 19.25 0.44
CA ILE A 32 -5.24 20.48 -0.27
C ILE A 32 -5.56 21.78 0.49
N PRO A 33 -6.80 21.96 0.99
CA PRO A 33 -7.10 23.21 1.68
C PRO A 33 -6.27 23.40 2.95
N VAL A 34 -6.14 22.33 3.74
CA VAL A 34 -5.39 22.38 4.98
C VAL A 34 -3.93 22.75 4.75
N ALA A 35 -3.33 22.16 3.73
CA ALA A 35 -1.93 22.41 3.42
C ALA A 35 -1.67 23.85 2.99
N ILE A 36 -2.63 24.43 2.26
CA ILE A 36 -2.51 25.81 1.80
C ILE A 36 -2.57 26.78 2.99
N THR A 37 -3.35 26.41 4.00
CA THR A 37 -3.42 27.16 5.25
C THR A 37 -2.04 27.32 5.88
N GLY A 38 -1.24 26.26 5.82
CA GLY A 38 0.10 26.27 6.39
C GLY A 38 0.22 25.25 7.50
N ARG A 39 -0.92 24.67 7.86
CA ARG A 39 -0.96 23.68 8.94
C ARG A 39 -0.30 22.37 8.52
N ASP A 40 0.33 21.70 9.49
CA ASP A 40 0.97 20.42 9.25
C ASP A 40 -0.06 19.33 9.00
N ILE A 41 0.35 18.26 8.32
CA ILE A 41 -0.55 17.17 7.98
C ILE A 41 0.08 15.82 8.25
N LEU A 42 -0.68 14.93 8.89
CA LEU A 42 -0.29 13.53 9.04
C LEU A 42 -1.39 12.67 8.42
N ALA A 43 -1.14 12.15 7.23
CA ALA A 43 -2.18 11.47 6.47
C ALA A 43 -1.91 9.99 6.21
N ARG A 44 -2.98 9.19 6.26
CA ARG A 44 -2.90 7.79 5.87
C ARG A 44 -3.87 7.54 4.72
N ALA A 45 -3.32 7.20 3.56
CA ALA A 45 -4.13 6.99 2.37
C ALA A 45 -3.37 6.08 1.42
N LYS A 46 -4.09 5.28 0.64
CA LYS A 46 -3.43 4.37 -0.29
C LYS A 46 -2.71 5.18 -1.36
N ASN A 47 -1.57 4.67 -1.82
CA ASN A 47 -0.77 5.40 -2.79
C ASN A 47 -1.45 5.53 -4.15
N GLY A 48 -1.25 6.68 -4.78
CA GLY A 48 -1.81 6.96 -6.09
C GLY A 48 -1.26 8.24 -6.66
N THR A 49 -1.60 8.50 -7.91
CA THR A 49 -1.24 9.75 -8.55
C THR A 49 -2.02 10.88 -7.91
N GLY A 50 -3.26 10.58 -7.51
CA GLY A 50 -4.13 11.56 -6.90
C GLY A 50 -3.69 12.01 -5.54
N LYS A 51 -3.02 11.13 -4.80
CA LYS A 51 -2.47 11.46 -3.49
C LYS A 51 -1.21 12.31 -3.65
N THR A 52 -0.34 11.86 -4.55
CA THR A 52 0.85 12.61 -4.89
C THR A 52 0.46 14.01 -5.32
N ALA A 53 -0.66 14.12 -6.03
CA ALA A 53 -1.20 15.40 -6.45
C ALA A 53 -1.79 16.13 -5.25
N ALA A 54 -2.29 15.36 -4.29
CA ALA A 54 -2.86 15.93 -3.08
C ALA A 54 -1.80 16.68 -2.29
N PHE A 55 -0.53 16.29 -2.41
CA PHE A 55 0.51 17.13 -1.83
C PHE A 55 1.28 18.04 -2.81
N VAL A 56 1.32 17.67 -4.08
CA VAL A 56 2.03 18.45 -5.09
C VAL A 56 1.28 19.75 -5.41
N ILE A 57 -0.03 19.66 -5.50
CA ILE A 57 -0.85 20.84 -5.75
C ILE A 57 -0.66 21.96 -4.71
N PRO A 58 -0.71 21.62 -3.40
CA PRO A 58 -0.39 22.65 -2.41
C PRO A 58 1.03 23.20 -2.56
N THR A 59 1.98 22.32 -2.87
CA THR A 59 3.37 22.72 -3.06
C THR A 59 3.51 23.76 -4.18
N LEU A 60 2.83 23.51 -5.29
CA LEU A 60 2.89 24.41 -6.43
C LEU A 60 2.17 25.73 -6.17
N GLU A 61 1.22 25.71 -5.24
CA GLU A 61 0.50 26.91 -4.86
C GLU A 61 1.36 27.79 -3.97
N LYS A 62 2.07 27.16 -3.04
CA LYS A 62 2.88 27.89 -2.06
C LYS A 62 4.20 28.40 -2.65
N VAL A 63 4.87 27.55 -3.42
CA VAL A 63 6.18 27.90 -3.98
C VAL A 63 6.12 29.14 -4.87
N LYS A 64 6.97 30.13 -4.55
CA LYS A 64 7.08 31.34 -5.34
C LYS A 64 8.13 31.16 -6.42
N PRO A 65 7.72 31.21 -7.70
CA PRO A 65 8.65 30.99 -8.81
C PRO A 65 9.71 32.08 -8.94
N LYS A 66 9.41 33.27 -8.42
CA LYS A 66 10.35 34.39 -8.51
C LYS A 66 11.54 34.22 -7.56
N LEU A 67 11.37 33.39 -6.54
CA LEU A 67 12.44 33.09 -5.59
C LEU A 67 13.23 31.87 -6.03
N ASN A 68 14.44 32.09 -6.52
CA ASN A 68 15.28 31.00 -7.01
C ASN A 68 16.01 30.25 -5.88
N LYS A 69 15.25 29.70 -4.96
CA LYS A 69 15.78 28.86 -3.90
C LYS A 69 14.87 27.66 -3.66
N ILE A 70 15.42 26.61 -3.07
CA ILE A 70 14.62 25.43 -2.74
C ILE A 70 13.61 25.80 -1.67
N GLN A 71 12.33 25.76 -2.02
CA GLN A 71 11.27 26.16 -1.11
C GLN A 71 10.47 24.95 -0.59
N ALA A 72 10.67 23.80 -1.23
CA ALA A 72 9.97 22.59 -0.83
C ALA A 72 10.83 21.34 -1.02
N LEU A 73 10.88 20.49 0.00
CA LEU A 73 11.66 19.28 -0.03
C LEU A 73 10.76 18.05 0.09
N ILE A 74 10.82 17.17 -0.90
CA ILE A 74 9.99 15.97 -0.91
C ILE A 74 10.85 14.73 -0.75
N MET A 75 10.74 14.10 0.41
CA MET A 75 11.54 12.90 0.71
C MET A 75 10.81 11.62 0.31
N VAL A 76 11.49 10.77 -0.44
CA VAL A 76 10.95 9.48 -0.83
C VAL A 76 11.99 8.38 -0.58
N PRO A 77 11.55 7.16 -0.31
CA PRO A 77 12.49 6.06 -0.02
C PRO A 77 13.17 5.50 -1.26
N THR A 78 12.48 5.47 -2.40
CA THR A 78 13.02 4.85 -3.61
C THR A 78 13.23 5.85 -4.74
N ARG A 79 14.09 5.51 -5.68
CA ARG A 79 14.37 6.37 -6.82
C ARG A 79 13.20 6.37 -7.81
N GLU A 80 12.54 5.23 -7.93
CA GLU A 80 11.37 5.10 -8.79
C GLU A 80 10.30 6.11 -8.37
N LEU A 81 10.01 6.14 -7.07
CA LEU A 81 9.03 7.07 -6.53
C LEU A 81 9.47 8.51 -6.69
N ALA A 82 10.78 8.74 -6.64
CA ALA A 82 11.33 10.08 -6.85
C ALA A 82 11.03 10.55 -8.28
N LEU A 83 11.32 9.67 -9.24
CA LEU A 83 11.06 9.96 -10.65
C LEU A 83 9.57 10.21 -10.88
N GLN A 84 8.73 9.31 -10.38
CA GLN A 84 7.28 9.46 -10.53
C GLN A 84 6.78 10.78 -9.95
N THR A 85 7.20 11.06 -8.72
CA THR A 85 6.81 12.28 -8.03
C THR A 85 7.21 13.53 -8.83
N SER A 86 8.47 13.59 -9.25
CA SER A 86 8.92 14.74 -10.04
C SER A 86 8.18 14.86 -11.36
N GLN A 87 7.80 13.73 -11.95
CA GLN A 87 6.98 13.73 -13.15
C GLN A 87 5.65 14.43 -12.86
N VAL A 88 5.02 14.04 -11.75
CA VAL A 88 3.76 14.67 -11.35
C VAL A 88 3.94 16.18 -11.15
N VAL A 89 5.02 16.55 -10.47
CA VAL A 89 5.34 17.95 -10.22
C VAL A 89 5.47 18.75 -11.51
N ARG A 90 6.26 18.24 -12.44
CA ARG A 90 6.50 18.93 -13.70
C ARG A 90 5.24 19.00 -14.56
N THR A 91 4.42 17.96 -14.50
CA THR A 91 3.17 17.94 -15.25
C THR A 91 2.20 18.99 -14.71
N LEU A 92 1.88 18.89 -13.43
CA LEU A 92 0.94 19.82 -12.81
C LEU A 92 1.49 21.25 -12.77
N GLY A 93 2.81 21.38 -12.62
CA GLY A 93 3.44 22.68 -12.57
C GLY A 93 3.98 23.14 -13.93
N LYS A 94 3.35 22.67 -15.00
CA LYS A 94 3.79 22.98 -16.35
C LYS A 94 3.82 24.48 -16.63
N HIS A 95 2.76 25.17 -16.23
CA HIS A 95 2.63 26.60 -16.55
C HIS A 95 3.04 27.50 -15.38
N CYS A 96 3.68 26.91 -14.38
CA CYS A 96 4.00 27.63 -13.16
C CYS A 96 5.38 28.30 -13.18
N GLY A 97 6.21 27.92 -14.14
CA GLY A 97 7.56 28.45 -14.22
C GLY A 97 8.39 27.99 -13.03
N ILE A 98 8.16 26.76 -12.61
CA ILE A 98 8.81 26.20 -11.43
C ILE A 98 9.74 25.05 -11.80
N SER A 99 10.95 25.07 -11.25
CA SER A 99 11.95 24.04 -11.52
C SER A 99 11.94 22.92 -10.49
N CYS A 100 12.01 21.68 -10.95
CA CYS A 100 12.01 20.51 -10.07
C CYS A 100 13.20 19.60 -10.40
N MET A 101 13.83 19.08 -9.36
CA MET A 101 15.01 18.23 -9.54
C MET A 101 14.98 16.96 -8.69
N VAL A 102 15.33 15.83 -9.29
CA VAL A 102 15.48 14.58 -8.56
C VAL A 102 16.94 14.33 -8.20
N THR A 103 17.18 13.98 -6.95
CA THR A 103 18.52 13.54 -6.54
C THR A 103 18.42 12.26 -5.71
N THR A 104 19.02 11.20 -6.20
CA THR A 104 18.93 9.89 -5.53
C THR A 104 20.31 9.24 -5.40
N GLY A 105 20.37 8.17 -4.62
CA GLY A 105 21.61 7.46 -4.40
C GLY A 105 22.15 6.79 -5.65
N GLY A 106 21.28 6.62 -6.64
CA GLY A 106 21.67 6.01 -7.91
C GLY A 106 22.55 6.90 -8.77
N THR A 107 22.07 8.10 -9.04
CA THR A 107 22.78 9.05 -9.90
C THR A 107 24.10 9.53 -9.28
N ASN A 108 24.98 10.08 -10.11
CA ASN A 108 26.28 10.55 -9.66
C ASN A 108 26.18 11.90 -8.95
N LEU A 109 27.06 12.11 -7.96
CA LEU A 109 27.04 13.33 -7.15
C LEU A 109 27.45 14.57 -7.94
N ARG A 110 28.42 14.40 -8.84
CA ARG A 110 28.97 15.53 -9.59
C ARG A 110 27.90 16.25 -10.41
N ASP A 111 27.12 15.48 -11.15
CA ASP A 111 26.08 16.03 -12.01
C ASP A 111 25.00 16.76 -11.22
N ASP A 112 24.66 16.22 -10.05
CA ASP A 112 23.66 16.83 -9.20
C ASP A 112 24.17 18.11 -8.54
N ILE A 113 25.45 18.09 -8.14
CA ILE A 113 26.08 19.26 -7.55
C ILE A 113 26.16 20.38 -8.58
N LEU A 114 26.44 20.01 -9.83
CA LEU A 114 26.45 20.99 -10.92
C LEU A 114 25.05 21.52 -11.18
N ARG A 115 24.07 20.62 -11.14
CA ARG A 115 22.68 20.98 -11.38
C ARG A 115 22.13 21.91 -10.31
N LEU A 116 22.63 21.77 -9.09
CA LEU A 116 22.17 22.60 -7.98
C LEU A 116 22.66 24.05 -8.06
N ASN A 117 23.67 24.30 -8.89
CA ASN A 117 24.11 25.66 -9.15
C ASN A 117 23.10 26.41 -9.99
N GLU A 118 22.25 25.66 -10.70
CA GLU A 118 21.12 26.23 -11.42
C GLU A 118 19.95 26.37 -10.46
N THR A 119 18.87 26.96 -10.94
CA THR A 119 17.69 27.19 -10.10
C THR A 119 16.90 25.90 -9.84
N VAL A 120 16.63 25.64 -8.56
CA VAL A 120 15.79 24.52 -8.16
C VAL A 120 14.77 24.97 -7.11
N HIS A 121 13.49 24.91 -7.45
CA HIS A 121 12.44 25.33 -6.53
C HIS A 121 11.99 24.18 -5.64
N ILE A 122 11.82 23.01 -6.25
CA ILE A 122 11.36 21.83 -5.54
C ILE A 122 12.36 20.69 -5.70
N LEU A 123 12.78 20.12 -4.57
CA LEU A 123 13.76 19.05 -4.58
C LEU A 123 13.14 17.73 -4.13
N VAL A 124 13.19 16.73 -5.00
CA VAL A 124 12.69 15.39 -4.68
C VAL A 124 13.86 14.43 -4.56
N GLY A 125 14.02 13.80 -3.40
CA GLY A 125 15.15 12.91 -3.19
C GLY A 125 15.04 11.85 -2.11
N THR A 126 16.08 11.02 -2.04
CA THR A 126 16.18 9.97 -1.03
C THR A 126 17.03 10.47 0.13
N PRO A 127 16.79 9.95 1.34
CA PRO A 127 17.44 10.43 2.58
C PRO A 127 18.96 10.60 2.50
N GLY A 128 19.67 9.56 2.06
CA GLY A 128 21.12 9.58 2.02
C GLY A 128 21.70 10.69 1.17
N ARG A 129 21.32 10.71 -0.10
CA ARG A 129 21.82 11.69 -1.05
C ARG A 129 21.45 13.12 -0.64
N VAL A 130 20.24 13.30 -0.12
CA VAL A 130 19.77 14.62 0.31
C VAL A 130 20.56 15.13 1.52
N LEU A 131 20.77 14.26 2.51
CA LEU A 131 21.58 14.63 3.66
C LEU A 131 23.01 14.95 3.23
N ASP A 132 23.51 14.21 2.25
CA ASP A 132 24.85 14.41 1.73
C ASP A 132 24.98 15.80 1.08
N LEU A 133 24.07 16.11 0.16
CA LEU A 133 24.07 17.40 -0.51
C LEU A 133 23.84 18.56 0.47
N ALA A 134 23.09 18.29 1.54
CA ALA A 134 22.79 19.32 2.53
C ALA A 134 24.01 19.61 3.39
N SER A 135 24.71 18.55 3.79
CA SER A 135 25.91 18.68 4.61
C SER A 135 27.03 19.39 3.84
N ARG A 136 27.13 19.09 2.55
CA ARG A 136 28.12 19.71 1.68
C ARG A 136 27.74 21.14 1.31
N LYS A 137 26.56 21.58 1.76
CA LYS A 137 26.04 22.92 1.49
C LYS A 137 25.83 23.20 0.00
N VAL A 138 25.76 22.15 -0.81
CA VAL A 138 25.45 22.31 -2.23
C VAL A 138 23.97 22.69 -2.37
N ALA A 139 23.14 22.11 -1.50
CA ALA A 139 21.71 22.39 -1.48
C ALA A 139 21.36 23.33 -0.32
N ASP A 140 21.06 24.58 -0.65
CA ASP A 140 20.70 25.57 0.37
C ASP A 140 19.22 25.44 0.74
N LEU A 141 18.97 25.09 2.00
CA LEU A 141 17.61 24.86 2.47
C LEU A 141 17.16 25.90 3.49
N SER A 142 17.80 27.07 3.46
CA SER A 142 17.50 28.13 4.41
C SER A 142 16.11 28.74 4.19
N ASP A 143 15.56 28.56 2.99
CA ASP A 143 14.23 29.05 2.67
C ASP A 143 13.27 27.91 2.34
N CYS A 144 13.63 26.70 2.77
CA CYS A 144 12.80 25.53 2.52
C CYS A 144 11.73 25.41 3.61
N SER A 145 10.66 26.18 3.44
CA SER A 145 9.60 26.26 4.46
C SER A 145 8.59 25.12 4.35
N LEU A 146 8.78 24.26 3.36
CA LEU A 146 7.87 23.14 3.16
C LEU A 146 8.64 21.81 3.11
N PHE A 147 8.22 20.89 3.97
CA PHE A 147 8.86 19.58 4.08
C PHE A 147 7.81 18.48 3.90
N ILE A 148 8.08 17.56 2.99
CA ILE A 148 7.12 16.51 2.67
C ILE A 148 7.78 15.13 2.67
N MET A 149 7.12 14.17 3.30
CA MET A 149 7.56 12.78 3.27
C MET A 149 6.47 11.88 2.72
N ASP A 150 6.70 11.31 1.55
CA ASP A 150 5.78 10.30 1.02
C ASP A 150 6.37 8.93 1.32
N GLU A 151 5.50 7.95 1.56
CA GLU A 151 5.94 6.64 2.05
C GLU A 151 6.82 6.83 3.29
N ALA A 152 6.38 7.71 4.18
CA ALA A 152 7.19 8.15 5.32
C ALA A 152 7.60 7.02 6.25
N ASP A 153 6.76 6.00 6.34
CA ASP A 153 7.03 4.85 7.22
C ASP A 153 8.32 4.15 6.81
N LYS A 154 8.63 4.19 5.52
CA LYS A 154 9.82 3.54 4.98
C LYS A 154 11.09 4.32 5.33
N MET A 155 10.91 5.55 5.82
CA MET A 155 12.04 6.42 6.14
C MET A 155 12.08 6.80 7.61
N LEU A 156 11.21 6.19 8.41
CA LEU A 156 11.17 6.48 9.84
C LEU A 156 11.53 5.26 10.67
N SER A 157 12.15 4.28 10.02
CA SER A 157 12.73 3.14 10.73
C SER A 157 13.92 3.61 11.56
N ARG A 158 14.48 2.69 12.34
CA ARG A 158 15.55 3.04 13.30
C ARG A 158 16.73 3.77 12.67
N ASP A 159 17.18 3.29 11.52
CA ASP A 159 18.36 3.88 10.88
C ASP A 159 18.06 5.14 10.08
N PHE A 160 16.94 5.15 9.35
CA PHE A 160 16.59 6.27 8.49
C PHE A 160 16.13 7.50 9.26
N LYS A 161 15.53 7.28 10.42
CA LYS A 161 14.98 8.37 11.22
C LYS A 161 16.06 9.36 11.63
N THR A 162 17.26 8.84 11.92
CA THR A 162 18.40 9.67 12.26
C THR A 162 18.74 10.60 11.10
N ILE A 163 18.82 10.04 9.91
CA ILE A 163 19.09 10.80 8.69
C ILE A 163 18.04 11.87 8.47
N ILE A 164 16.77 11.51 8.65
CA ILE A 164 15.67 12.45 8.50
C ILE A 164 15.78 13.61 9.49
N GLU A 165 16.16 13.31 10.73
CA GLU A 165 16.37 14.36 11.74
C GLU A 165 17.51 15.29 11.33
N GLN A 166 18.60 14.70 10.84
CA GLN A 166 19.74 15.46 10.37
C GLN A 166 19.36 16.40 9.22
N ILE A 167 18.57 15.89 8.28
CA ILE A 167 18.08 16.70 7.17
C ILE A 167 17.19 17.82 7.69
N LEU A 168 16.36 17.51 8.67
CA LEU A 168 15.45 18.48 9.25
C LEU A 168 16.20 19.61 9.96
N SER A 169 17.39 19.31 10.45
CA SER A 169 18.21 20.33 11.12
C SER A 169 18.57 21.50 10.19
N PHE A 170 18.54 21.28 8.88
CA PHE A 170 18.90 22.31 7.91
C PHE A 170 17.74 23.26 7.57
N LEU A 171 16.51 22.78 7.72
CA LEU A 171 15.35 23.59 7.37
C LEU A 171 15.13 24.68 8.42
N PRO A 172 14.48 25.78 8.01
CA PRO A 172 14.13 26.83 8.98
C PRO A 172 13.22 26.29 10.07
N PRO A 173 13.43 26.73 11.32
CA PRO A 173 12.66 26.30 12.50
C PRO A 173 11.15 26.32 12.26
N THR A 174 10.64 27.39 11.68
CA THR A 174 9.23 27.45 11.33
C THR A 174 9.00 26.93 9.91
N HIS A 175 8.70 25.64 9.81
CA HIS A 175 8.48 25.02 8.51
C HIS A 175 7.29 24.07 8.55
N GLN A 176 6.55 24.02 7.45
CA GLN A 176 5.39 23.14 7.34
C GLN A 176 5.81 21.72 7.00
N SER A 177 5.16 20.74 7.62
CA SER A 177 5.49 19.34 7.38
C SER A 177 4.27 18.52 6.96
N LEU A 178 4.36 17.87 5.81
CA LEU A 178 3.30 17.03 5.30
C LEU A 178 3.77 15.58 5.23
N LEU A 179 3.25 14.73 6.12
CA LEU A 179 3.65 13.33 6.19
C LEU A 179 2.58 12.39 5.64
N PHE A 180 2.99 11.50 4.73
CA PHE A 180 2.07 10.57 4.10
C PHE A 180 2.53 9.12 4.23
N SER A 181 1.57 8.23 4.47
CA SER A 181 1.86 6.80 4.60
C SER A 181 0.64 5.97 4.23
N ALA A 182 0.88 4.71 3.88
CA ALA A 182 -0.21 3.79 3.59
C ALA A 182 -0.40 2.76 4.70
N THR A 183 0.52 2.75 5.65
CA THR A 183 0.37 1.90 6.83
C THR A 183 0.41 2.75 8.09
N PHE A 184 -0.52 2.50 8.99
CA PHE A 184 -0.65 3.33 10.18
C PHE A 184 0.53 3.31 11.15
N PRO A 185 1.14 2.06 11.36
CA PRO A 185 2.19 2.11 12.41
C PRO A 185 3.36 3.01 12.05
N LEU A 186 3.78 3.83 13.00
CA LEU A 186 4.97 4.66 12.87
C LEU A 186 5.89 4.40 14.06
N THR A 187 7.18 4.22 13.81
CA THR A 187 8.12 3.77 14.82
C THR A 187 8.33 4.70 16.02
N VAL A 188 8.42 6.00 15.77
CA VAL A 188 8.78 6.95 16.83
C VAL A 188 7.72 7.98 17.16
N ASP A 189 7.39 8.09 18.44
CA ASP A 189 6.40 9.05 18.91
C ASP A 189 6.95 10.44 19.21
N GLU A 190 8.13 10.48 19.83
CA GLU A 190 8.83 11.73 20.06
C GLU A 190 9.16 12.46 18.76
N PHE A 191 9.51 11.71 17.71
CA PHE A 191 9.81 12.29 16.41
C PHE A 191 8.64 13.14 15.96
N MET A 192 7.44 12.58 16.05
CA MET A 192 6.24 13.28 15.63
C MET A 192 5.84 14.40 16.59
N ASP A 193 5.99 14.18 17.90
CA ASP A 193 5.63 15.27 18.81
C ASP A 193 6.56 16.47 18.66
N LYS A 194 7.81 16.20 18.26
CA LYS A 194 8.84 17.22 18.13
C LYS A 194 8.77 17.96 16.80
N HIS A 195 8.59 17.20 15.72
CA HIS A 195 8.70 17.76 14.37
C HIS A 195 7.36 18.16 13.74
N LEU A 196 6.27 17.54 14.20
CA LEU A 196 4.95 17.94 13.75
C LEU A 196 4.32 18.90 14.76
N HIS A 197 3.78 20.01 14.27
CA HIS A 197 3.16 21.01 15.13
C HIS A 197 1.67 21.14 14.86
N LYS A 198 0.86 20.77 15.86
CA LYS A 198 -0.59 20.74 15.74
C LYS A 198 -1.07 20.18 14.40
N PRO A 199 -0.61 18.97 14.04
CA PRO A 199 -0.86 18.46 12.70
C PRO A 199 -2.33 18.14 12.47
N TYR A 200 -2.75 18.21 11.21
CA TYR A 200 -4.10 17.85 10.83
C TYR A 200 -4.08 16.41 10.33
N GLU A 201 -4.77 15.52 11.03
CA GLU A 201 -4.75 14.11 10.70
C GLU A 201 -5.80 13.72 9.67
N ILE A 202 -5.40 12.86 8.74
CA ILE A 202 -6.30 12.32 7.72
C ILE A 202 -6.19 10.81 7.72
N ASN A 203 -7.32 10.13 7.94
CA ASN A 203 -7.35 8.68 7.96
C ASN A 203 -8.39 8.12 6.98
N LEU A 204 -7.95 7.84 5.76
CA LEU A 204 -8.86 7.37 4.71
C LEU A 204 -8.76 5.87 4.46
N MET A 205 -7.95 5.20 5.26
CA MET A 205 -7.79 3.76 5.12
C MET A 205 -8.35 3.01 6.34
N GLU A 206 -8.73 1.76 6.12
CA GLU A 206 -9.15 0.87 7.19
C GLU A 206 -8.00 0.71 8.18
N GLU A 207 -8.34 0.58 9.46
CA GLU A 207 -7.31 0.50 10.51
C GLU A 207 -6.67 -0.88 10.56
N LEU A 208 -5.85 -1.19 9.54
CA LEU A 208 -5.16 -2.47 9.46
C LEU A 208 -3.75 -2.28 8.90
N THR A 209 -2.87 -3.23 9.19
CA THR A 209 -1.49 -3.17 8.71
C THR A 209 -0.98 -4.51 8.22
N LEU A 210 -0.11 -4.47 7.21
CA LEU A 210 0.48 -5.68 6.65
C LEU A 210 1.84 -5.96 7.28
N LYS A 211 2.08 -5.35 8.43
CA LYS A 211 3.37 -5.46 9.10
C LYS A 211 3.65 -6.89 9.56
N GLY A 212 4.83 -7.40 9.21
CA GLY A 212 5.26 -8.71 9.66
C GLY A 212 4.81 -9.85 8.75
N ILE A 213 3.80 -9.57 7.93
CA ILE A 213 3.26 -10.58 7.02
C ILE A 213 4.09 -10.67 5.75
N THR A 214 4.60 -11.86 5.45
CA THR A 214 5.35 -12.09 4.22
C THR A 214 4.41 -12.47 3.07
N GLN A 215 4.44 -11.68 2.00
CA GLN A 215 3.50 -11.85 0.90
C GLN A 215 4.14 -12.39 -0.37
N TYR A 216 3.58 -13.49 -0.88
CA TYR A 216 4.04 -14.08 -2.13
C TYR A 216 2.89 -14.22 -3.12
N TYR A 217 3.22 -14.28 -4.40
CA TYR A 217 2.22 -14.58 -5.43
C TYR A 217 2.68 -15.78 -6.27
N ALA A 218 1.75 -16.38 -7.00
CA ALA A 218 2.06 -17.49 -7.87
C ALA A 218 1.24 -17.44 -9.15
N PHE A 219 1.91 -17.41 -10.29
CA PHE A 219 1.23 -17.45 -11.59
C PHE A 219 0.56 -18.80 -11.76
N VAL A 220 -0.77 -18.79 -11.72
CA VAL A 220 -1.54 -20.03 -11.74
C VAL A 220 -2.82 -19.89 -12.58
N GLU A 221 -2.96 -20.76 -13.57
CA GLU A 221 -4.20 -20.82 -14.36
C GLU A 221 -5.31 -21.41 -13.51
N GLU A 222 -6.56 -21.04 -13.82
CA GLU A 222 -7.72 -21.51 -13.06
C GLU A 222 -7.76 -23.03 -12.89
N ARG A 223 -7.54 -23.74 -14.00
CA ARG A 223 -7.56 -25.20 -14.00
C ARG A 223 -6.51 -25.81 -13.08
N GLN A 224 -5.50 -25.02 -12.73
CA GLN A 224 -4.37 -25.49 -11.95
C GLN A 224 -4.46 -25.09 -10.48
N LYS A 225 -5.42 -24.22 -10.17
CA LYS A 225 -5.57 -23.66 -8.83
C LYS A 225 -5.63 -24.70 -7.72
N LEU A 226 -6.57 -25.64 -7.81
CA LEU A 226 -6.71 -26.72 -6.83
C LEU A 226 -5.40 -27.47 -6.60
N HIS A 227 -4.76 -27.84 -7.70
CA HIS A 227 -3.46 -28.50 -7.70
C HIS A 227 -2.44 -27.72 -6.86
N CYS A 228 -2.24 -26.45 -7.22
CA CYS A 228 -1.30 -25.58 -6.52
C CYS A 228 -1.63 -25.47 -5.04
N LEU A 229 -2.91 -25.30 -4.74
CA LEU A 229 -3.40 -25.21 -3.37
C LEU A 229 -3.02 -26.42 -2.53
N ASN A 230 -3.31 -27.62 -3.03
CA ASN A 230 -2.95 -28.85 -2.35
C ASN A 230 -1.44 -28.96 -2.13
N THR A 231 -0.68 -28.62 -3.17
CA THR A 231 0.79 -28.60 -3.06
C THR A 231 1.24 -27.71 -1.89
N LEU A 232 0.65 -26.53 -1.79
CA LEU A 232 0.90 -25.63 -0.67
C LEU A 232 0.52 -26.29 0.65
N PHE A 233 -0.64 -26.94 0.67
CA PHE A 233 -1.16 -27.63 1.85
C PHE A 233 -0.19 -28.69 2.36
N SER A 234 0.63 -29.26 1.48
CA SER A 234 1.64 -30.23 1.91
C SER A 234 2.99 -29.57 2.20
N LYS A 235 3.28 -28.47 1.52
CA LYS A 235 4.58 -27.82 1.63
C LYS A 235 4.72 -26.96 2.90
N LEU A 236 3.60 -26.42 3.37
CA LEU A 236 3.63 -25.43 4.44
C LEU A 236 3.25 -25.98 5.81
N GLN A 237 3.93 -25.48 6.84
CA GLN A 237 3.64 -25.85 8.21
C GLN A 237 2.48 -25.00 8.74
N ILE A 238 1.31 -25.18 8.14
CA ILE A 238 0.12 -24.44 8.51
C ILE A 238 -0.34 -24.80 9.93
N ASN A 239 -0.62 -23.76 10.74
CA ASN A 239 -1.25 -23.91 12.04
C ASN A 239 -2.75 -23.80 11.82
N GLN A 240 -3.16 -22.62 11.35
CA GLN A 240 -4.51 -22.39 10.85
C GLN A 240 -4.44 -21.51 9.61
N ALA A 241 -5.33 -21.76 8.66
CA ALA A 241 -5.34 -21.02 7.41
C ALA A 241 -6.73 -20.55 7.03
N ILE A 242 -6.80 -19.41 6.35
CA ILE A 242 -8.06 -18.91 5.81
C ILE A 242 -7.92 -18.73 4.31
N ILE A 243 -8.85 -19.29 3.54
CA ILE A 243 -8.82 -19.20 2.09
C ILE A 243 -9.92 -18.27 1.61
N PHE A 244 -9.56 -17.31 0.76
CA PHE A 244 -10.54 -16.33 0.28
C PHE A 244 -10.93 -16.56 -1.18
N CYS A 245 -12.23 -16.48 -1.45
CA CYS A 245 -12.75 -16.61 -2.80
C CYS A 245 -13.61 -15.40 -3.16
N ASN A 246 -13.83 -15.20 -4.46
CA ASN A 246 -14.53 -14.01 -4.93
C ASN A 246 -16.04 -14.16 -5.05
N SER A 247 -16.57 -15.32 -4.70
CA SER A 247 -18.01 -15.54 -4.69
C SER A 247 -18.42 -16.70 -3.79
N THR A 248 -19.66 -16.66 -3.32
CA THR A 248 -20.19 -17.68 -2.41
C THR A 248 -20.12 -19.09 -2.98
N ASN A 249 -20.53 -19.22 -4.25
CA ASN A 249 -20.48 -20.50 -4.94
C ASN A 249 -19.10 -21.10 -4.94
N ARG A 250 -18.10 -20.30 -5.32
CA ARG A 250 -16.72 -20.75 -5.34
C ARG A 250 -16.24 -21.15 -3.95
N VAL A 251 -16.74 -20.45 -2.93
CA VAL A 251 -16.43 -20.79 -1.54
C VAL A 251 -16.91 -22.21 -1.25
N GLU A 252 -18.16 -22.49 -1.58
CA GLU A 252 -18.73 -23.80 -1.32
C GLU A 252 -18.06 -24.92 -2.12
N LEU A 253 -17.81 -24.66 -3.40
CA LEU A 253 -17.16 -25.64 -4.27
C LEU A 253 -15.77 -25.97 -3.74
N LEU A 254 -14.99 -24.93 -3.44
CA LEU A 254 -13.65 -25.11 -2.91
C LEU A 254 -13.67 -25.85 -1.58
N ALA A 255 -14.64 -25.51 -0.72
CA ALA A 255 -14.77 -26.19 0.57
C ALA A 255 -15.04 -27.68 0.37
N LYS A 256 -15.96 -28.00 -0.54
CA LYS A 256 -16.28 -29.39 -0.85
C LYS A 256 -15.08 -30.15 -1.37
N LYS A 257 -14.39 -29.58 -2.36
CA LYS A 257 -13.22 -30.21 -2.95
C LYS A 257 -12.10 -30.40 -1.91
N ILE A 258 -11.99 -29.45 -0.98
CA ILE A 258 -11.01 -29.54 0.09
C ILE A 258 -11.36 -30.69 1.04
N THR A 259 -12.63 -30.80 1.40
CA THR A 259 -13.08 -31.87 2.28
C THR A 259 -12.88 -33.25 1.64
N ASP A 260 -13.18 -33.36 0.35
CA ASP A 260 -12.98 -34.60 -0.37
C ASP A 260 -11.50 -34.93 -0.54
N LEU A 261 -10.66 -33.91 -0.46
CA LEU A 261 -9.21 -34.07 -0.64
C LEU A 261 -8.54 -34.73 0.56
N GLY A 262 -9.25 -34.83 1.67
CA GLY A 262 -8.71 -35.40 2.88
C GLY A 262 -8.25 -34.32 3.85
N TYR A 263 -8.97 -33.21 3.85
CA TYR A 263 -8.67 -32.10 4.76
C TYR A 263 -9.94 -31.65 5.49
N SER A 264 -9.76 -31.10 6.69
CA SER A 264 -10.88 -30.62 7.49
C SER A 264 -11.00 -29.10 7.40
N CYS A 265 -12.23 -28.61 7.23
CA CYS A 265 -12.44 -27.18 7.11
C CYS A 265 -13.89 -26.75 7.36
N TYR A 266 -14.07 -25.45 7.57
CA TYR A 266 -15.40 -24.84 7.63
C TYR A 266 -15.57 -23.96 6.40
N TYR A 267 -16.72 -23.30 6.30
CA TYR A 267 -16.94 -22.32 5.25
C TYR A 267 -17.95 -21.26 5.68
N SER A 268 -17.71 -20.01 5.29
CA SER A 268 -18.59 -18.91 5.63
C SER A 268 -18.69 -17.91 4.49
N HIS A 269 -19.91 -17.46 4.20
CA HIS A 269 -20.13 -16.49 3.14
C HIS A 269 -21.32 -15.58 3.41
N ALA A 270 -21.61 -14.69 2.45
CA ALA A 270 -22.59 -13.62 2.65
C ALA A 270 -24.04 -14.09 2.57
N ARG A 271 -24.29 -15.21 1.91
CA ARG A 271 -25.64 -15.70 1.73
C ARG A 271 -26.21 -16.31 3.02
N MET A 272 -25.32 -16.69 3.94
CA MET A 272 -25.76 -17.26 5.22
C MET A 272 -26.29 -16.17 6.13
N LYS A 273 -26.91 -16.58 7.24
CA LYS A 273 -27.38 -15.63 8.24
C LYS A 273 -26.22 -15.25 9.17
N GLN A 274 -26.38 -14.14 9.87
CA GLN A 274 -25.34 -13.64 10.76
C GLN A 274 -25.04 -14.63 11.89
N GLN A 275 -26.08 -15.31 12.37
CA GLN A 275 -25.94 -16.28 13.44
C GLN A 275 -25.05 -17.45 13.02
N GLU A 276 -25.29 -17.98 11.83
CA GLU A 276 -24.52 -19.09 11.29
C GLU A 276 -23.06 -18.69 11.13
N ARG A 277 -22.84 -17.50 10.59
CA ARG A 277 -21.50 -16.96 10.40
C ARG A 277 -20.76 -16.79 11.73
N ASN A 278 -21.47 -16.29 12.73
CA ASN A 278 -20.89 -16.15 14.06
C ASN A 278 -20.54 -17.50 14.66
N LYS A 279 -21.37 -18.50 14.39
CA LYS A 279 -21.13 -19.86 14.87
C LYS A 279 -19.88 -20.43 14.23
N VAL A 280 -19.76 -20.29 12.92
CA VAL A 280 -18.60 -20.77 12.18
C VAL A 280 -17.33 -20.07 12.65
N PHE A 281 -17.41 -18.76 12.84
CA PHE A 281 -16.27 -17.97 13.29
C PHE A 281 -15.82 -18.36 14.69
N HIS A 282 -16.77 -18.53 15.59
CA HIS A 282 -16.45 -18.90 16.96
C HIS A 282 -15.86 -20.31 17.02
N GLU A 283 -16.43 -21.22 16.23
CA GLU A 283 -15.94 -22.59 16.17
C GLU A 283 -14.52 -22.65 15.62
N PHE A 284 -14.27 -21.91 14.55
CA PHE A 284 -12.93 -21.87 13.94
C PHE A 284 -11.94 -21.21 14.89
N ARG A 285 -12.40 -20.22 15.64
CA ARG A 285 -11.57 -19.47 16.58
C ARG A 285 -11.07 -20.37 17.71
N GLN A 286 -11.88 -21.37 18.06
CA GLN A 286 -11.51 -22.31 19.12
C GLN A 286 -10.59 -23.41 18.60
N GLY A 287 -10.25 -23.34 17.31
CA GLY A 287 -9.34 -24.30 16.71
C GLY A 287 -9.98 -25.65 16.47
N LYS A 288 -11.28 -25.65 16.16
CA LYS A 288 -12.00 -26.87 15.88
C LYS A 288 -11.47 -27.55 14.62
N VAL A 289 -11.17 -26.74 13.60
CA VAL A 289 -10.58 -27.24 12.36
C VAL A 289 -9.27 -26.51 12.08
N ARG A 290 -8.69 -26.77 10.91
CA ARG A 290 -7.42 -26.17 10.53
C ARG A 290 -7.59 -25.11 9.44
N THR A 291 -8.61 -25.30 8.60
CA THR A 291 -8.81 -24.40 7.46
C THR A 291 -10.20 -23.78 7.46
N LEU A 292 -10.29 -22.54 6.97
CA LEU A 292 -11.56 -21.87 6.82
C LEU A 292 -11.63 -21.22 5.44
N VAL A 293 -12.78 -21.32 4.78
CA VAL A 293 -12.95 -20.73 3.46
C VAL A 293 -14.02 -19.65 3.49
N CYS A 294 -13.61 -18.41 3.25
CA CYS A 294 -14.51 -17.28 3.34
C CYS A 294 -14.65 -16.54 2.02
N SER A 295 -15.82 -15.94 1.81
CA SER A 295 -15.99 -14.94 0.78
C SER A 295 -15.69 -13.60 1.45
N ASP A 296 -15.84 -12.49 0.76
CA ASP A 296 -15.56 -11.26 1.44
C ASP A 296 -16.69 -10.99 2.40
N LEU A 297 -16.35 -10.82 3.66
CA LEU A 297 -17.35 -10.57 4.69
C LEU A 297 -17.09 -9.31 5.50
N LEU A 298 -18.06 -8.43 5.52
CA LEU A 298 -17.89 -7.18 6.24
C LEU A 298 -17.97 -7.41 7.74
N THR A 299 -17.51 -6.43 8.53
CA THR A 299 -17.55 -6.60 9.94
C THR A 299 -16.76 -7.84 10.29
N ARG A 300 -15.46 -7.76 10.11
CA ARG A 300 -14.54 -8.74 10.61
C ARG A 300 -14.46 -8.54 12.09
N GLY A 301 -14.22 -9.60 12.82
CA GLY A 301 -14.28 -9.56 14.28
C GLY A 301 -12.97 -9.36 15.01
N ILE A 302 -12.46 -10.41 15.64
CA ILE A 302 -11.26 -10.32 16.44
C ILE A 302 -10.14 -11.17 15.91
N ASP A 303 -8.96 -10.60 15.80
CA ASP A 303 -7.81 -11.28 15.20
C ASP A 303 -7.54 -12.64 15.81
N ILE A 304 -7.26 -13.61 14.95
CA ILE A 304 -6.94 -14.97 15.37
C ILE A 304 -5.48 -15.27 15.09
N GLN A 305 -4.66 -15.28 16.13
CA GLN A 305 -3.21 -15.40 15.97
C GLN A 305 -2.76 -16.78 15.54
N ALA A 306 -3.67 -17.76 15.62
CA ALA A 306 -3.38 -19.11 15.17
C ALA A 306 -3.24 -19.14 13.64
N VAL A 307 -4.03 -18.30 12.98
CA VAL A 307 -3.99 -18.19 11.53
C VAL A 307 -2.64 -17.66 11.07
N ASN A 308 -1.77 -18.55 10.61
CA ASN A 308 -0.42 -18.14 10.23
C ASN A 308 -0.18 -18.19 8.72
N VAL A 309 -1.22 -18.59 7.99
CA VAL A 309 -1.18 -18.61 6.54
C VAL A 309 -2.53 -18.15 6.01
N VAL A 310 -2.54 -17.11 5.20
CA VAL A 310 -3.77 -16.70 4.53
C VAL A 310 -3.56 -16.82 3.03
N ILE A 311 -4.52 -17.47 2.36
CA ILE A 311 -4.39 -17.72 0.94
C ILE A 311 -5.52 -17.09 0.14
N ASN A 312 -5.16 -16.23 -0.80
CA ASN A 312 -6.11 -15.72 -1.76
C ASN A 312 -6.24 -16.67 -2.94
N PHE A 313 -7.17 -17.62 -2.80
CA PHE A 313 -7.48 -18.54 -3.89
C PHE A 313 -7.88 -17.71 -5.10
N ASP A 314 -8.69 -16.69 -4.84
CA ASP A 314 -9.02 -15.69 -5.84
C ASP A 314 -8.43 -14.34 -5.43
N PHE A 315 -7.65 -13.74 -6.32
CA PHE A 315 -7.07 -12.43 -6.05
C PHE A 315 -8.15 -11.37 -6.16
N PRO A 316 -8.23 -10.47 -5.16
CA PRO A 316 -9.24 -9.42 -5.13
C PRO A 316 -8.96 -8.31 -6.16
N LYS A 317 -9.95 -7.44 -6.36
CA LYS A 317 -9.83 -6.37 -7.35
C LYS A 317 -9.31 -5.07 -6.74
N THR A 318 -9.61 -4.83 -5.47
CA THR A 318 -9.22 -3.58 -4.83
C THR A 318 -8.23 -3.78 -3.69
N ALA A 319 -7.50 -2.71 -3.36
CA ALA A 319 -6.54 -2.74 -2.26
C ALA A 319 -7.27 -2.75 -0.92
N GLU A 320 -8.45 -2.12 -0.87
CA GLU A 320 -9.28 -2.13 0.32
C GLU A 320 -9.63 -3.56 0.74
N THR A 321 -10.03 -4.36 -0.23
CA THR A 321 -10.39 -5.75 0.01
C THR A 321 -9.18 -6.59 0.41
N TYR A 322 -8.06 -6.39 -0.30
CA TYR A 322 -6.83 -7.10 -0.01
C TYR A 322 -6.38 -6.85 1.42
N LEU A 323 -6.43 -5.58 1.84
CA LEU A 323 -6.06 -5.19 3.19
C LEU A 323 -7.06 -5.75 4.21
N HIS A 324 -8.34 -5.72 3.87
CA HIS A 324 -9.38 -6.26 4.75
C HIS A 324 -9.22 -7.76 4.95
N ARG A 325 -8.64 -8.44 3.97
CA ARG A 325 -8.41 -9.88 4.06
C ARG A 325 -7.12 -10.21 4.82
N ILE A 326 -6.05 -9.52 4.46
CA ILE A 326 -4.71 -9.86 4.97
C ILE A 326 -4.31 -9.09 6.22
N GLY A 327 -4.64 -7.81 6.27
CA GLY A 327 -4.22 -6.94 7.35
C GLY A 327 -4.64 -7.34 8.76
N ARG A 328 -3.80 -7.02 9.74
CA ARG A 328 -4.11 -7.26 11.15
C ARG A 328 -4.22 -5.91 11.86
N SER A 329 -4.77 -5.92 13.09
CA SER A 329 -5.04 -4.68 13.80
C SER A 329 -3.91 -4.27 14.74
N GLY A 330 -3.00 -5.20 15.00
CA GLY A 330 -1.89 -4.94 15.90
C GLY A 330 -0.88 -3.93 15.35
N ARG A 331 -0.46 -2.98 16.20
CA ARG A 331 0.54 -2.00 15.81
C ARG A 331 1.91 -2.67 15.69
N PHE A 332 2.08 -3.79 16.39
CA PHE A 332 3.23 -4.65 16.19
C PHE A 332 2.87 -5.58 15.04
N GLY A 333 3.87 -6.20 14.43
CA GLY A 333 3.62 -7.05 13.28
C GLY A 333 2.86 -8.32 13.58
N HIS A 334 2.74 -9.18 12.57
CA HIS A 334 2.23 -10.53 12.77
C HIS A 334 3.01 -11.50 11.90
N LEU A 335 3.66 -12.46 12.55
CA LEU A 335 4.42 -13.47 11.82
C LEU A 335 3.47 -14.41 11.10
N GLY A 336 3.32 -14.19 9.78
CA GLY A 336 2.43 -15.01 8.99
C GLY A 336 2.66 -14.88 7.49
N LEU A 337 2.03 -15.76 6.73
CA LEU A 337 2.15 -15.74 5.28
C LEU A 337 0.87 -15.27 4.61
N ALA A 338 1.04 -14.63 3.46
CA ALA A 338 -0.08 -14.30 2.59
C ALA A 338 0.27 -14.78 1.18
N ILE A 339 -0.47 -15.76 0.69
CA ILE A 339 -0.19 -16.33 -0.62
C ILE A 339 -1.31 -16.05 -1.62
N ASN A 340 -0.95 -15.39 -2.72
CA ASN A 340 -1.92 -14.99 -3.72
C ASN A 340 -1.83 -15.82 -4.99
N LEU A 341 -2.96 -16.35 -5.43
CA LEU A 341 -3.03 -17.08 -6.67
C LEU A 341 -3.39 -16.14 -7.81
N ILE A 342 -2.43 -15.90 -8.71
CA ILE A 342 -2.58 -14.92 -9.77
C ILE A 342 -2.81 -15.56 -11.13
N ASN A 343 -3.98 -15.34 -11.72
CA ASN A 343 -4.20 -15.73 -13.10
C ASN A 343 -3.75 -14.61 -14.03
N TRP A 344 -3.97 -14.77 -15.33
CA TRP A 344 -3.57 -13.75 -16.30
C TRP A 344 -4.24 -12.42 -16.00
N ASN A 345 -5.57 -12.42 -15.99
CA ASN A 345 -6.36 -11.21 -15.79
C ASN A 345 -6.13 -10.53 -14.44
N ASP A 346 -5.49 -11.22 -13.51
CA ASP A 346 -5.21 -10.67 -12.20
C ASP A 346 -3.92 -9.84 -12.17
N ARG A 347 -3.05 -10.09 -13.16
CA ARG A 347 -1.70 -9.51 -13.16
C ARG A 347 -1.66 -8.01 -12.88
N PHE A 348 -2.46 -7.23 -13.60
CA PHE A 348 -2.51 -5.79 -13.37
C PHE A 348 -2.84 -5.46 -11.91
N ASN A 349 -3.89 -6.07 -11.39
CA ASN A 349 -4.29 -5.82 -10.00
C ASN A 349 -3.22 -6.25 -9.00
N LEU A 350 -2.32 -7.13 -9.42
CA LEU A 350 -1.22 -7.53 -8.55
C LEU A 350 -0.24 -6.36 -8.42
N TYR A 351 -0.01 -5.69 -9.53
CA TYR A 351 0.86 -4.52 -9.57
C TYR A 351 0.22 -3.39 -8.77
N LYS A 352 -0.95 -2.95 -9.23
CA LYS A 352 -1.68 -1.83 -8.64
C LYS A 352 -1.76 -1.87 -7.12
N ILE A 353 -2.35 -2.94 -6.59
CA ILE A 353 -2.48 -3.12 -5.15
C ILE A 353 -1.13 -2.99 -4.46
N GLU A 354 -0.12 -3.66 -5.02
CA GLU A 354 1.22 -3.62 -4.42
C GLU A 354 1.74 -2.20 -4.35
N GLN A 355 1.38 -1.39 -5.35
CA GLN A 355 1.77 0.01 -5.37
C GLN A 355 0.93 0.80 -4.36
N GLU A 356 -0.36 0.50 -4.30
CA GLU A 356 -1.30 1.29 -3.51
C GLU A 356 -1.09 1.15 -2.01
N LEU A 357 -0.76 -0.06 -1.57
CA LEU A 357 -0.58 -0.33 -0.15
C LEU A 357 0.87 -0.11 0.30
N GLY A 358 1.74 0.19 -0.66
CA GLY A 358 3.14 0.42 -0.38
C GLY A 358 3.83 -0.81 0.18
N THR A 359 3.37 -1.98 -0.28
CA THR A 359 3.89 -3.25 0.23
C THR A 359 4.70 -3.99 -0.83
N GLU A 360 5.06 -5.23 -0.53
CA GLU A 360 5.81 -6.05 -1.47
C GLU A 360 5.22 -7.44 -1.60
N ILE A 361 4.81 -7.80 -2.82
CA ILE A 361 4.31 -9.13 -3.10
C ILE A 361 5.23 -9.81 -4.10
N ALA A 362 6.23 -10.54 -3.60
CA ALA A 362 7.23 -11.17 -4.44
C ALA A 362 6.77 -12.53 -4.96
N ALA A 363 7.48 -13.06 -5.95
CA ALA A 363 7.16 -14.38 -6.50
C ALA A 363 7.54 -15.47 -5.49
N ILE A 364 6.64 -16.43 -5.30
CA ILE A 364 6.86 -17.50 -4.33
C ILE A 364 8.11 -18.33 -4.66
N PRO A 365 9.04 -18.40 -3.71
CA PRO A 365 10.31 -19.12 -3.91
C PRO A 365 10.12 -20.62 -3.92
N ALA A 366 11.20 -21.36 -4.17
CA ALA A 366 11.16 -22.82 -4.18
C ALA A 366 10.74 -23.34 -2.82
N THR A 367 11.44 -22.90 -1.77
CA THR A 367 11.12 -23.29 -0.41
C THR A 367 10.98 -22.07 0.48
N ILE A 368 9.88 -22.01 1.23
CA ILE A 368 9.60 -20.88 2.11
C ILE A 368 10.21 -21.09 3.49
N ASP A 369 10.98 -20.10 3.94
CA ASP A 369 11.61 -20.14 5.25
C ASP A 369 10.55 -20.27 6.34
N LYS A 370 10.80 -21.15 7.31
CA LYS A 370 9.87 -21.37 8.41
C LYS A 370 9.92 -20.25 9.43
N SER A 371 11.00 -19.47 9.41
CA SER A 371 11.15 -18.36 10.34
C SER A 371 10.16 -17.23 10.05
N LEU A 372 9.47 -17.32 8.92
CA LEU A 372 8.61 -16.24 8.45
C LEU A 372 7.13 -16.38 8.88
N TYR A 373 6.71 -17.59 9.21
CA TYR A 373 5.32 -17.84 9.60
C TYR A 373 5.15 -18.77 10.81
N VAL A 374 6.24 -19.41 11.24
CA VAL A 374 6.18 -20.28 12.41
C VAL A 374 6.84 -19.64 13.64
N ALA A 375 6.07 -19.52 14.72
CA ALA A 375 6.55 -18.95 15.96
C ALA A 375 6.98 -20.04 16.94
N GLU A 376 7.66 -19.65 18.01
CA GLU A 376 8.13 -20.59 19.02
C GLU A 376 7.50 -20.30 20.38
N GLY B 21 -20.97 -32.16 -5.84
CA GLY B 21 -20.74 -30.94 -5.09
C GLY B 21 -21.98 -30.07 -5.02
N TYR B 22 -21.90 -29.02 -4.19
CA TYR B 22 -23.01 -28.11 -4.03
C TYR B 22 -22.61 -26.64 -4.23
N GLY B 23 -23.29 -25.99 -5.15
CA GLY B 23 -23.17 -24.56 -5.35
C GLY B 23 -24.59 -24.03 -5.37
N GLU B 24 -25.15 -23.96 -6.58
CA GLU B 24 -26.58 -23.72 -6.77
C GLU B 24 -27.14 -22.51 -6.02
N HIS B 25 -26.41 -21.41 -6.05
CA HIS B 25 -26.96 -20.14 -5.62
C HIS B 25 -27.07 -19.25 -6.84
N GLU B 26 -27.78 -18.14 -6.72
CA GLU B 26 -27.84 -17.16 -7.80
C GLU B 26 -26.42 -16.76 -8.19
N LEU B 27 -26.04 -17.10 -9.42
CA LEU B 27 -24.67 -16.95 -9.88
C LEU B 27 -24.21 -15.49 -9.86
N GLU B 28 -22.92 -15.29 -9.67
CA GLU B 28 -22.32 -13.96 -9.68
C GLU B 28 -21.11 -13.94 -10.61
N GLU B 29 -20.66 -12.73 -10.98
CA GLU B 29 -19.68 -12.54 -12.06
C GLU B 29 -18.51 -13.53 -12.12
N ASN B 30 -17.82 -13.75 -11.00
CA ASN B 30 -16.64 -14.61 -11.00
C ASN B 30 -16.97 -16.10 -10.98
N ASP B 31 -18.25 -16.43 -11.11
CA ASP B 31 -18.67 -17.83 -11.23
C ASP B 31 -18.64 -18.29 -12.67
N TYR B 32 -18.50 -17.34 -13.60
CA TYR B 32 -18.58 -17.63 -15.02
C TYR B 32 -17.50 -18.60 -15.51
N LEU B 33 -16.44 -18.74 -14.74
CA LEU B 33 -15.33 -19.60 -15.14
C LEU B 33 -15.04 -20.71 -14.13
N ASN B 34 -16.05 -21.06 -13.33
CA ASN B 34 -15.90 -22.11 -12.33
C ASN B 34 -15.65 -23.49 -12.93
N ASP B 35 -16.14 -23.70 -14.15
CA ASP B 35 -15.95 -24.97 -14.85
C ASP B 35 -14.48 -25.24 -15.15
N GLU B 36 -13.71 -24.18 -15.35
CA GLU B 36 -12.29 -24.30 -15.60
C GLU B 36 -11.58 -24.74 -14.33
N THR B 37 -12.00 -24.17 -13.20
CA THR B 37 -11.37 -24.44 -11.91
C THR B 37 -11.81 -25.76 -11.30
N PHE B 38 -13.11 -26.01 -11.30
CA PHE B 38 -13.66 -27.20 -10.66
C PHE B 38 -14.20 -28.21 -11.68
N GLY B 39 -13.50 -28.34 -12.80
CA GLY B 39 -13.88 -29.31 -13.81
C GLY B 39 -13.40 -30.70 -13.47
N ASP B 40 -13.94 -31.70 -14.14
CA ASP B 40 -13.57 -33.08 -13.89
C ASP B 40 -12.15 -33.37 -14.39
N ASN B 41 -11.69 -32.59 -15.35
CA ASN B 41 -10.37 -32.76 -15.93
C ASN B 41 -9.28 -31.97 -15.21
N VAL B 42 -9.69 -31.21 -14.19
CA VAL B 42 -8.76 -30.39 -13.41
C VAL B 42 -7.81 -31.26 -12.60
N GLN B 43 -6.51 -31.04 -12.78
CA GLN B 43 -5.49 -31.84 -12.12
C GLN B 43 -5.35 -31.50 -10.65
N VAL B 44 -5.19 -32.52 -9.83
CA VAL B 44 -4.95 -32.36 -8.40
C VAL B 44 -3.75 -33.23 -7.99
N GLY B 45 -3.01 -32.79 -6.98
CA GLY B 45 -1.92 -33.58 -6.43
C GLY B 45 -1.08 -32.80 -5.43
N THR B 46 0.22 -33.06 -5.42
CA THR B 46 1.16 -32.28 -4.63
C THR B 46 2.34 -32.04 -5.56
N ASP B 47 2.04 -32.14 -6.84
CA ASP B 47 3.07 -32.08 -7.87
C ASP B 47 3.48 -30.64 -8.20
N PHE B 48 2.57 -29.69 -8.03
CA PHE B 48 2.70 -28.34 -8.59
C PHE B 48 4.09 -27.72 -8.48
N ASP B 49 4.54 -27.19 -9.61
CA ASP B 49 5.88 -26.65 -9.78
C ASP B 49 5.83 -25.13 -9.87
N PHE B 50 6.75 -24.47 -9.18
CA PHE B 50 6.78 -23.01 -9.12
C PHE B 50 7.92 -22.46 -9.97
C1 MPD C . 0.14 11.70 -13.64
C2 MPD C . 0.61 12.81 -14.55
O2 MPD C . 1.53 13.65 -13.81
CM MPD C . -0.57 13.66 -14.99
C3 MPD C . 1.34 12.20 -15.74
C4 MPD C . 2.84 12.38 -15.60
O4 MPD C . 3.33 11.55 -14.57
C5 MPD C . 3.56 12.05 -16.91
OH2 1PE D . 9.55 7.34 -13.83
C12 1PE D . 8.22 6.90 -13.96
C22 1PE D . 7.30 8.07 -13.92
OH3 1PE D . 6.01 7.69 -14.44
C13 1PE D . 4.30 7.95 -12.74
C23 1PE D . 4.94 8.53 -14.03
OH4 1PE D . 3.33 8.84 -12.23
C14 1PE D . 3.10 8.72 -9.80
C24 1PE D . 2.54 8.28 -11.18
OH5 1PE D . 2.20 8.32 -8.75
C15 1PE D . 3.59 6.83 -7.49
C25 1PE D . 2.83 8.13 -7.48
OH6 1PE D . 2.86 5.85 -6.74
C16 1PE D . 1.41 4.95 -8.48
C26 1PE D . 2.57 4.68 -7.47
OH7 1PE D . 1.93 5.35 -9.72
#